data_9NC7
#
_entry.id   9NC7
#
_cell.length_a   158.785
_cell.length_b   158.785
_cell.length_c   131.544
_cell.angle_alpha   90.000
_cell.angle_beta   90.000
_cell.angle_gamma   120.000
#
_symmetry.space_group_name_H-M   'H 3'
#
loop_
_entity.id
_entity.type
_entity.pdbx_description
1 polymer "DNA (5'-D(P*AP*CP*AP*CP*GP*TP*GP*GP*AP*CP*GP*CP*TP*GP*CP*TP*GP*CP*AP*CP*GP*AP*G)-3')"
2 polymer "DNA (5'-D(*GP*TP*CP*TP*CP*GP*TP*GP*CP*AP*GP*CP*GP*TP*CP*GP*T)-3')"
3 polymer "DNA (5'-D(*AP*CP*TP*GP*AP*CP*TP*C)-3')"
4 polymer "DNA (5'-D(P*TP*GP*AP*GP*TP*CP*AP*CP*CP*AP*CP*GP*TP*G)-3')"
#
loop_
_entity_poly.entity_id
_entity_poly.type
_entity_poly.pdbx_seq_one_letter_code
_entity_poly.pdbx_strand_id
1 'polydeoxyribonucleotide'
;(DA)(DC)(DA)(DC)(DG)(DT)(DG)(DG)(DA)(DC)(DG)(DC)(DT)(DG)(DC)(DT)(DG)(DC)(DA)(DC)
(DG)(DA)(DG)
;
A
2 'polydeoxyribonucleotide' (DG)(DT)(DC)(DT)(DC)(DG)(DT)(DG)(DC)(DA)(DG)(DC)(DG)(DT)(DC)(DG)(DT) B
3 'polydeoxyribonucleotide' (DA)(DC)(DT)(DG)(DA)(DC)(DT)(DC) C
4 'polydeoxyribonucleotide' (DT)(DG)(DA)(DG)(DT)(DC)(DA)(DC)(DC)(DA)(DC)(DG)(DT)(DG) D
#
loop_
_chem_comp.id
_chem_comp.type
_chem_comp.name
_chem_comp.formula
DA DNA linking 2'-DEOXYADENOSINE-5'-MONOPHOSPHATE 'C10 H14 N5 O6 P'
DC DNA linking 2'-DEOXYCYTIDINE-5'-MONOPHOSPHATE 'C9 H14 N3 O7 P'
DG DNA linking 2'-DEOXYGUANOSINE-5'-MONOPHOSPHATE 'C10 H14 N5 O7 P'
DT DNA linking THYMIDINE-5'-MONOPHOSPHATE 'C10 H15 N2 O8 P'
#